data_8ELI
#
_entry.id   8ELI
#
_cell.length_a   38.323
_cell.length_b   86.152
_cell.length_c   128.824
_cell.angle_alpha   90.000
_cell.angle_beta   90.000
_cell.angle_gamma   90.000
#
_symmetry.space_group_name_H-M   'P 21 21 21'
#
loop_
_entity.id
_entity.type
_entity.pdbx_description
1 polymer 'VRC34-combo.1 Fab Light chain'
2 polymer 'VRC34-combo.1 Fab Heavy chain'
3 polymer 'Fusion peptide'
4 water water
#
loop_
_entity_poly.entity_id
_entity_poly.type
_entity_poly.pdbx_seq_one_letter_code
_entity_poly.pdbx_strand_id
1 'polypeptide(L)'
;DIQLTQSPSFLSASVGDRVTITCRASQGVRNELAWYQQKPGKAPNLLIYYASTLQSGVPSRFSASGSGTHFTLTVSSLQP
EDFATYFCQHMSSYPLTFGGGTKVEIKRTVAAPSVFIFPPSDEQLKSGTASVVCLLNNFYPREAKVQWKVDNALQSGNSQ
ESVTEQDSKDSTYSLSSTLTLSKADYEKHKVYACEVTHQGLSSPVTKSFNRGE
;
L
2 'polypeptide(L)'
;QKVLVQSGAEVKKPGASVKVSCRAFGYTFTGNALHWVRQAPGQGLEWLGWINPHSGDTFTSQKFQGRVYMTRDKSINTAF
LDVTRLTSDDTGIYYCARDKYYGNEAVGMDVWGQGTSVTVSSASTKGPSVFPLAPSSKSTSGGTAALGCLVKDYFPEPVT
VSWNSGALTSGVHTFPAVLQSSGLYSLSSVVTVPSSSLGTQTYICNVNHKPSNTKVDKKVEPKSCD
;
H
3 'polypeptide(L)' AVGIGAVF A
#
# COMPACT_ATOMS: atom_id res chain seq x y z
N ASP A 1 -18.45 -15.96 10.94
CA ASP A 1 -18.28 -14.71 10.19
C ASP A 1 -18.95 -14.84 8.82
N ILE A 2 -19.81 -13.87 8.49
CA ILE A 2 -20.40 -13.82 7.16
C ILE A 2 -19.32 -13.47 6.15
N GLN A 3 -19.30 -14.18 5.04
CA GLN A 3 -18.33 -13.94 3.98
C GLN A 3 -19.01 -13.13 2.89
N LEU A 4 -18.37 -12.04 2.49
CA LEU A 4 -18.84 -11.24 1.36
C LEU A 4 -17.86 -11.44 0.22
N THR A 5 -18.32 -12.04 -0.87
CA THR A 5 -17.49 -12.36 -2.02
C THR A 5 -17.75 -11.34 -3.12
N GLN A 6 -16.75 -10.53 -3.44
CA GLN A 6 -16.85 -9.53 -4.49
C GLN A 6 -16.30 -10.07 -5.81
N SER A 7 -16.94 -9.69 -6.91
CA SER A 7 -16.45 -10.03 -8.23
C SER A 7 -16.72 -8.87 -9.17
N PRO A 8 -15.79 -8.58 -10.08
CA PRO A 8 -14.47 -9.22 -10.15
C PRO A 8 -13.57 -8.62 -9.10
N SER A 9 -12.41 -9.25 -8.84
CA SER A 9 -11.46 -8.65 -7.90
C SER A 9 -10.66 -7.53 -8.55
N PHE A 10 -10.48 -7.58 -9.86
CA PHE A 10 -9.72 -6.57 -10.59
C PHE A 10 -10.44 -6.28 -11.90
N LEU A 11 -10.51 -5.01 -12.26
CA LEU A 11 -11.19 -4.61 -13.49
C LEU A 11 -10.43 -3.46 -14.13
N SER A 12 -10.24 -3.55 -15.45
CA SER A 12 -9.67 -2.46 -16.24
C SER A 12 -10.78 -1.83 -17.07
N ALA A 13 -10.87 -0.50 -17.05
CA ALA A 13 -11.94 0.18 -17.76
C ALA A 13 -11.46 1.54 -18.23
N SER A 14 -12.25 2.14 -19.11
CA SER A 14 -11.95 3.46 -19.66
C SER A 14 -12.95 4.48 -19.11
N VAL A 15 -12.52 5.74 -19.10
CA VAL A 15 -13.43 6.83 -18.78
C VAL A 15 -14.64 6.74 -19.69
N GLY A 16 -15.83 6.84 -19.09
CA GLY A 16 -17.06 6.71 -19.82
C GLY A 16 -17.69 5.33 -19.79
N ASP A 17 -16.92 4.32 -19.36
CA ASP A 17 -17.46 2.96 -19.31
C ASP A 17 -18.42 2.81 -18.14
N ARG A 18 -19.39 1.93 -18.31
CA ARG A 18 -20.23 1.49 -17.20
C ARG A 18 -19.54 0.30 -16.53
N VAL A 19 -19.46 0.35 -15.20
CA VAL A 19 -18.80 -0.68 -14.40
C VAL A 19 -19.85 -1.26 -13.46
N THR A 20 -19.90 -2.60 -13.38
CA THR A 20 -20.79 -3.31 -12.47
C THR A 20 -19.97 -4.26 -11.61
N ILE A 21 -20.09 -4.10 -10.29
CA ILE A 21 -19.36 -4.89 -9.29
C ILE A 21 -20.39 -5.63 -8.45
N THR A 22 -20.12 -6.90 -8.17
CA THR A 22 -21.06 -7.75 -7.43
C THR A 22 -20.49 -8.10 -6.06
N CYS A 23 -21.40 -8.20 -5.08
CA CYS A 23 -21.08 -8.62 -3.73
C CYS A 23 -22.11 -9.67 -3.34
N ARG A 24 -21.66 -10.89 -3.04
CA ARG A 24 -22.55 -11.97 -2.62
C ARG A 24 -22.26 -12.33 -1.17
N ALA A 25 -23.31 -12.30 -0.35
CA ALA A 25 -23.18 -12.63 1.06
C ALA A 25 -23.46 -14.11 1.30
N SER A 26 -22.70 -14.71 2.22
CA SER A 26 -22.86 -16.13 2.52
C SER A 26 -24.15 -16.45 3.27
N GLN A 27 -24.78 -15.45 3.92
CA GLN A 27 -26.10 -15.57 4.54
C GLN A 27 -26.88 -14.31 4.23
N GLY A 28 -28.20 -14.38 4.39
CA GLY A 28 -29.02 -13.20 4.17
C GLY A 28 -28.67 -12.08 5.13
N VAL A 29 -28.62 -10.85 4.59
CA VAL A 29 -28.33 -9.67 5.39
C VAL A 29 -29.37 -8.58 5.13
N ARG A 30 -30.51 -8.95 4.54
CA ARG A 30 -31.59 -7.97 4.26
C ARG A 30 -30.98 -6.82 3.45
N ASN A 31 -31.19 -5.56 3.84
CA ASN A 31 -30.55 -4.43 3.18
C ASN A 31 -29.45 -3.82 4.05
N GLU A 32 -28.91 -4.60 4.99
CA GLU A 32 -27.96 -4.10 5.98
C GLU A 32 -26.54 -4.15 5.41
N LEU A 33 -26.35 -3.34 4.37
CA LEU A 33 -25.16 -3.43 3.54
C LEU A 33 -24.78 -2.04 3.07
N ALA A 34 -23.47 -1.79 3.02
CA ALA A 34 -22.94 -0.51 2.59
C ALA A 34 -21.81 -0.74 1.59
N TRP A 35 -21.56 0.29 0.75
CA TRP A 35 -20.45 0.26 -0.20
C TRP A 35 -19.54 1.46 0.04
N TYR A 36 -18.24 1.24 -0.17
CA TYR A 36 -17.18 2.23 0.07
C TYR A 36 -16.23 2.27 -1.11
N GLN A 37 -15.61 3.44 -1.28
CA GLN A 37 -14.51 3.64 -2.19
C GLN A 37 -13.26 3.95 -1.37
N GLN A 38 -12.11 3.39 -1.78
CA GLN A 38 -10.85 3.68 -1.12
C GLN A 38 -9.77 3.95 -2.14
N LYS A 39 -9.03 5.03 -1.95
CA LYS A 39 -7.88 5.35 -2.76
C LYS A 39 -6.60 5.17 -1.96
N PRO A 40 -5.46 4.96 -2.63
CA PRO A 40 -4.21 4.68 -1.90
C PRO A 40 -3.86 5.80 -0.93
N GLY A 41 -3.47 5.41 0.28
CA GLY A 41 -3.10 6.35 1.31
C GLY A 41 -4.25 7.06 1.98
N LYS A 42 -5.50 6.65 1.73
CA LYS A 42 -6.65 7.34 2.28
C LYS A 42 -7.59 6.34 2.95
N ALA A 43 -8.39 6.86 3.87
CA ALA A 43 -9.45 6.07 4.47
C ALA A 43 -10.56 5.84 3.43
N PRO A 44 -11.34 4.78 3.60
CA PRO A 44 -12.51 4.57 2.72
C PRO A 44 -13.51 5.70 2.87
N ASN A 45 -14.34 5.86 1.84
CA ASN A 45 -15.39 6.86 1.83
C ASN A 45 -16.72 6.16 1.53
N LEU A 46 -17.76 6.47 2.30
CA LEU A 46 -19.06 5.83 2.16
C LEU A 46 -19.80 6.30 0.90
N LEU A 47 -20.25 5.35 0.10
CA LEU A 47 -21.01 5.64 -1.12
C LEU A 47 -22.49 5.34 -0.99
N ILE A 48 -22.82 4.18 -0.43
CA ILE A 48 -24.17 3.62 -0.44
C ILE A 48 -24.41 2.99 0.92
N TYR A 49 -25.61 3.15 1.47
CA TYR A 49 -26.00 2.42 2.66
C TYR A 49 -27.45 1.98 2.51
N TYR A 50 -27.91 1.16 3.46
CA TYR A 50 -29.20 0.49 3.32
C TYR A 50 -29.31 -0.22 1.97
N ALA A 51 -28.17 -0.70 1.47
CA ALA A 51 -27.98 -1.43 0.20
C ALA A 51 -28.18 -0.60 -1.06
N SER A 52 -29.05 0.42 -1.02
CA SER A 52 -29.35 1.14 -2.24
C SER A 52 -29.59 2.63 -2.03
N THR A 53 -29.42 3.17 -0.82
CA THR A 53 -29.55 4.61 -0.60
C THR A 53 -28.21 5.29 -0.86
N LEU A 54 -28.24 6.38 -1.63
CA LEU A 54 -27.02 7.09 -2.00
C LEU A 54 -26.66 8.09 -0.90
N GLN A 55 -25.42 8.02 -0.42
CA GLN A 55 -24.94 8.95 0.60
C GLN A 55 -24.83 10.36 0.05
N SER A 56 -25.25 11.34 0.86
CA SER A 56 -25.14 12.73 0.47
C SER A 56 -23.70 13.07 0.09
N GLY A 57 -23.54 13.83 -0.98
CA GLY A 57 -22.24 14.23 -1.43
C GLY A 57 -21.58 13.26 -2.40
N VAL A 58 -22.29 12.23 -2.83
CA VAL A 58 -21.79 11.23 -3.77
C VAL A 58 -22.46 11.47 -5.12
N PRO A 59 -21.71 11.50 -6.23
CA PRO A 59 -22.34 11.75 -7.53
C PRO A 59 -23.38 10.69 -7.88
N SER A 60 -24.38 11.11 -8.64
CA SER A 60 -25.51 10.25 -9.00
C SER A 60 -25.15 9.14 -9.98
N ARG A 61 -23.95 9.18 -10.57
CA ARG A 61 -23.52 8.06 -11.40
C ARG A 61 -23.28 6.79 -10.60
N PHE A 62 -23.21 6.87 -9.27
CA PHE A 62 -23.12 5.69 -8.41
C PHE A 62 -24.52 5.25 -8.01
N SER A 63 -24.78 3.95 -8.13
CA SER A 63 -26.05 3.39 -7.73
C SER A 63 -25.84 1.94 -7.35
N ALA A 64 -26.81 1.37 -6.63
CA ALA A 64 -26.65 0.01 -6.16
C ALA A 64 -27.99 -0.68 -6.03
N SER A 65 -27.94 -2.01 -5.99
CA SER A 65 -29.13 -2.85 -5.91
C SER A 65 -28.87 -4.00 -4.95
N GLY A 66 -29.97 -4.63 -4.53
CA GLY A 66 -29.93 -5.88 -3.80
C GLY A 66 -30.68 -5.87 -2.48
N SER A 67 -31.32 -6.99 -2.19
CA SER A 67 -31.98 -7.25 -0.91
C SER A 67 -31.77 -8.72 -0.61
N GLY A 68 -31.10 -9.03 0.49
CA GLY A 68 -30.87 -10.43 0.85
C GLY A 68 -29.42 -10.86 0.76
N THR A 69 -29.02 -11.44 -0.38
CA THR A 69 -27.65 -11.95 -0.52
C THR A 69 -26.90 -11.42 -1.73
N HIS A 70 -27.57 -10.95 -2.77
CA HIS A 70 -26.93 -10.62 -4.04
C HIS A 70 -27.03 -9.12 -4.25
N PHE A 71 -25.90 -8.43 -4.18
CA PHE A 71 -25.83 -6.98 -4.24
C PHE A 71 -24.95 -6.56 -5.40
N THR A 72 -25.27 -5.42 -6.00
CA THR A 72 -24.47 -4.90 -7.10
C THR A 72 -24.25 -3.41 -6.93
N LEU A 73 -23.06 -2.94 -7.28
CA LEU A 73 -22.74 -1.52 -7.37
C LEU A 73 -22.44 -1.19 -8.81
N THR A 74 -23.03 -0.11 -9.33
CA THR A 74 -22.79 0.32 -10.70
C THR A 74 -22.28 1.75 -10.73
N VAL A 75 -21.26 2.01 -11.55
CA VAL A 75 -20.90 3.37 -11.96
C VAL A 75 -21.32 3.49 -13.41
N SER A 76 -22.26 4.40 -13.69
CA SER A 76 -22.88 4.44 -15.02
C SER A 76 -21.91 4.92 -16.09
N SER A 77 -21.01 5.85 -15.74
CA SER A 77 -20.07 6.43 -16.69
C SER A 77 -18.83 6.81 -15.87
N LEU A 78 -17.80 5.97 -15.92
CA LEU A 78 -16.62 6.15 -15.08
C LEU A 78 -15.95 7.48 -15.37
N GLN A 79 -15.60 8.20 -14.33
CA GLN A 79 -14.82 9.44 -14.44
C GLN A 79 -13.42 9.22 -13.88
N PRO A 80 -12.47 10.09 -14.23
CA PRO A 80 -11.08 9.87 -13.78
C PRO A 80 -10.91 9.70 -12.28
N GLU A 81 -11.72 10.37 -11.46
CA GLU A 81 -11.62 10.25 -10.02
C GLU A 81 -12.24 8.97 -9.48
N ASP A 82 -12.84 8.14 -10.33
CA ASP A 82 -13.49 6.91 -9.86
C ASP A 82 -12.56 5.70 -9.88
N PHE A 83 -11.36 5.83 -10.42
CA PHE A 83 -10.44 4.70 -10.38
C PHE A 83 -9.91 4.56 -8.97
N ALA A 84 -10.20 3.41 -8.34
CA ALA A 84 -10.06 3.21 -6.91
C ALA A 84 -10.40 1.76 -6.59
N THR A 85 -10.36 1.39 -5.31
CA THR A 85 -10.83 0.10 -4.85
C THR A 85 -12.19 0.28 -4.17
N TYR A 86 -13.08 -0.68 -4.40
CA TYR A 86 -14.44 -0.63 -3.86
C TYR A 86 -14.68 -1.82 -2.95
N PHE A 87 -15.34 -1.57 -1.82
CA PHE A 87 -15.62 -2.60 -0.82
C PHE A 87 -17.10 -2.58 -0.45
N CYS A 88 -17.69 -3.76 -0.28
CA CYS A 88 -18.97 -3.90 0.39
C CYS A 88 -18.75 -4.28 1.86
N GLN A 89 -19.80 -4.11 2.66
CA GLN A 89 -19.73 -4.35 4.10
C GLN A 89 -21.14 -4.65 4.60
N HIS A 90 -21.29 -5.67 5.44
CA HIS A 90 -22.57 -5.91 6.09
C HIS A 90 -22.52 -5.49 7.55
N MET A 91 -23.70 -5.40 8.16
CA MET A 91 -23.81 -5.05 9.57
C MET A 91 -25.01 -5.76 10.21
N SER A 92 -25.23 -7.02 9.80
CA SER A 92 -26.40 -7.74 10.26
C SER A 92 -26.13 -8.60 11.48
N SER A 93 -24.86 -8.85 11.80
CA SER A 93 -24.46 -9.64 12.96
C SER A 93 -23.00 -9.33 13.21
N TYR A 94 -22.48 -9.85 14.31
CA TYR A 94 -21.07 -9.61 14.62
C TYR A 94 -20.23 -10.82 14.25
N PRO A 95 -19.00 -10.62 13.75
CA PRO A 95 -18.38 -9.32 13.49
C PRO A 95 -18.89 -8.71 12.19
N LEU A 96 -18.89 -7.38 12.12
CA LEU A 96 -19.04 -6.75 10.83
C LEU A 96 -17.88 -7.20 9.95
N THR A 97 -18.17 -7.47 8.67
CA THR A 97 -17.13 -7.88 7.74
C THR A 97 -17.27 -7.13 6.42
N PHE A 98 -16.15 -7.03 5.72
CA PHE A 98 -16.04 -6.38 4.42
C PHE A 98 -15.74 -7.42 3.35
N GLY A 99 -16.16 -7.13 2.13
CA GLY A 99 -15.70 -7.90 0.99
C GLY A 99 -14.22 -7.70 0.75
N GLY A 100 -13.68 -8.52 -0.15
CA GLY A 100 -12.26 -8.49 -0.42
C GLY A 100 -11.77 -7.32 -1.25
N GLY A 101 -12.67 -6.55 -1.83
CA GLY A 101 -12.30 -5.40 -2.62
C GLY A 101 -12.31 -5.69 -4.11
N THR A 102 -12.64 -4.66 -4.89
CA THR A 102 -12.52 -4.69 -6.34
C THR A 102 -11.73 -3.47 -6.76
N LYS A 103 -10.56 -3.68 -7.36
CA LYS A 103 -9.72 -2.57 -7.79
C LYS A 103 -10.03 -2.26 -9.25
N VAL A 104 -10.43 -1.02 -9.52
CA VAL A 104 -10.75 -0.55 -10.87
C VAL A 104 -9.60 0.32 -11.34
N GLU A 105 -8.89 -0.13 -12.37
CA GLU A 105 -7.73 0.59 -12.90
C GLU A 105 -8.01 1.02 -14.32
N ILE A 106 -7.25 1.98 -14.81
CA ILE A 106 -7.54 2.62 -16.09
C ILE A 106 -6.86 1.89 -17.24
N LYS A 107 -7.63 1.64 -18.29
CA LYS A 107 -7.12 1.00 -19.49
C LYS A 107 -6.33 2.00 -20.33
N ARG A 108 -5.25 1.53 -20.94
CA ARG A 108 -4.50 2.31 -21.92
C ARG A 108 -3.91 1.34 -22.92
N THR A 109 -3.25 1.89 -23.94
CA THR A 109 -2.61 1.05 -24.93
C THR A 109 -1.45 0.28 -24.29
N VAL A 110 -1.14 -0.89 -24.87
CA VAL A 110 -0.03 -1.70 -24.38
C VAL A 110 1.27 -0.92 -24.53
N ALA A 111 2.11 -0.98 -23.50
CA ALA A 111 3.41 -0.32 -23.50
C ALA A 111 4.42 -1.30 -22.94
N ALA A 112 5.43 -1.65 -23.74
CA ALA A 112 6.44 -2.58 -23.26
C ALA A 112 7.35 -1.87 -22.25
N PRO A 113 7.84 -2.60 -21.26
CA PRO A 113 8.78 -2.00 -20.31
C PRO A 113 10.14 -1.78 -20.94
N SER A 114 10.81 -0.72 -20.49
CA SER A 114 12.24 -0.58 -20.68
C SER A 114 12.90 -1.28 -19.50
N VAL A 115 13.91 -2.12 -19.77
CA VAL A 115 14.49 -2.99 -18.75
C VAL A 115 15.94 -2.57 -18.52
N PHE A 116 16.31 -2.46 -17.24
CA PHE A 116 17.67 -2.11 -16.82
C PHE A 116 18.08 -3.03 -15.68
N ILE A 117 19.35 -3.46 -15.69
CA ILE A 117 19.88 -4.27 -14.61
C ILE A 117 21.04 -3.53 -13.95
N PHE A 118 21.12 -3.65 -12.62
CA PHE A 118 22.16 -2.99 -11.84
C PHE A 118 22.89 -4.03 -11.01
N PRO A 119 24.19 -4.25 -11.22
CA PRO A 119 24.95 -5.12 -10.32
C PRO A 119 25.07 -4.51 -8.95
N PRO A 120 25.43 -5.30 -7.93
CA PRO A 120 25.67 -4.73 -6.61
C PRO A 120 26.85 -3.76 -6.64
N SER A 121 26.76 -2.74 -5.81
CA SER A 121 27.86 -1.79 -5.67
C SER A 121 29.02 -2.44 -4.92
N ASP A 122 30.24 -1.95 -5.21
CA ASP A 122 31.39 -2.44 -4.48
C ASP A 122 31.26 -2.14 -2.99
N GLU A 123 30.66 -1.00 -2.66
CA GLU A 123 30.41 -0.65 -1.26
C GLU A 123 29.56 -1.70 -0.55
N GLN A 124 28.47 -2.14 -1.17
CA GLN A 124 27.63 -3.14 -0.52
C GLN A 124 28.36 -4.46 -0.37
N LEU A 125 29.12 -4.87 -1.38
CA LEU A 125 29.83 -6.15 -1.31
C LEU A 125 30.79 -6.17 -0.12
N LYS A 126 31.44 -5.03 0.16
CA LYS A 126 32.27 -4.92 1.35
C LYS A 126 31.51 -5.25 2.63
N SER A 127 30.19 -5.05 2.63
CA SER A 127 29.39 -5.29 3.83
C SER A 127 28.96 -6.74 4.00
N GLY A 128 29.13 -7.58 2.98
CA GLY A 128 28.82 -8.99 3.09
C GLY A 128 27.56 -9.46 2.39
N THR A 129 26.89 -8.57 1.65
CA THR A 129 25.66 -8.93 0.93
C THR A 129 25.73 -8.35 -0.47
N ALA A 130 24.92 -8.91 -1.35
CA ALA A 130 24.84 -8.46 -2.74
C ALA A 130 23.38 -8.34 -3.13
N SER A 131 22.97 -7.16 -3.57
CA SER A 131 21.64 -6.93 -4.11
C SER A 131 21.79 -6.63 -5.59
N VAL A 132 21.08 -7.37 -6.43
CA VAL A 132 21.02 -7.13 -7.86
C VAL A 132 19.63 -6.60 -8.17
N VAL A 133 19.54 -5.46 -8.85
CA VAL A 133 18.27 -4.79 -9.08
C VAL A 133 17.94 -4.83 -10.57
N CYS A 134 16.73 -5.28 -10.88
CA CYS A 134 16.18 -5.23 -12.23
C CYS A 134 15.00 -4.28 -12.23
N LEU A 135 15.04 -3.30 -13.14
CA LEU A 135 14.00 -2.27 -13.23
C LEU A 135 13.23 -2.45 -14.53
N LEU A 136 11.90 -2.49 -14.42
CA LEU A 136 10.99 -2.48 -15.56
C LEU A 136 10.27 -1.14 -15.51
N ASN A 137 10.47 -0.32 -16.52
CA ASN A 137 10.03 1.07 -16.45
C ASN A 137 8.88 1.35 -17.41
N ASN A 138 7.80 1.92 -16.87
CA ASN A 138 6.71 2.56 -17.62
C ASN A 138 6.05 1.58 -18.60
N PHE A 139 5.42 0.55 -18.05
CA PHE A 139 4.78 -0.47 -18.86
C PHE A 139 3.29 -0.57 -18.56
N TYR A 140 2.56 -1.19 -19.50
CA TYR A 140 1.14 -1.46 -19.35
C TYR A 140 0.81 -2.63 -20.26
N PRO A 141 0.02 -3.61 -19.80
CA PRO A 141 -0.64 -3.73 -18.50
C PRO A 141 0.30 -4.15 -17.36
N ARG A 142 -0.31 -4.32 -16.19
CA ARG A 142 0.47 -4.53 -14.96
C ARG A 142 1.13 -5.90 -14.94
N GLU A 143 0.51 -6.90 -15.58
CA GLU A 143 1.03 -8.26 -15.53
C GLU A 143 2.40 -8.35 -16.20
N ALA A 144 3.38 -8.82 -15.45
CA ALA A 144 4.74 -8.95 -15.97
C ALA A 144 5.43 -10.06 -15.20
N LYS A 145 6.19 -10.88 -15.92
CA LYS A 145 6.94 -11.98 -15.33
C LYS A 145 8.42 -11.62 -15.36
N VAL A 146 9.06 -11.62 -14.19
CA VAL A 146 10.47 -11.32 -14.05
C VAL A 146 11.14 -12.54 -13.44
N GLN A 147 12.08 -13.13 -14.17
CA GLN A 147 12.77 -14.33 -13.75
C GLN A 147 14.26 -14.04 -13.64
N TRP A 148 14.86 -14.43 -12.53
CA TRP A 148 16.30 -14.31 -12.34
C TRP A 148 16.97 -15.62 -12.74
N LYS A 149 17.96 -15.52 -13.62
CA LYS A 149 18.78 -16.66 -14.02
C LYS A 149 20.22 -16.39 -13.66
N VAL A 150 20.85 -17.32 -12.95
CA VAL A 150 22.21 -17.18 -12.47
C VAL A 150 22.99 -18.35 -13.05
N ASP A 151 23.89 -18.07 -13.98
CA ASP A 151 24.59 -19.10 -14.76
C ASP A 151 23.60 -20.09 -15.36
N ASN A 152 22.52 -19.54 -15.92
CA ASN A 152 21.44 -20.26 -16.59
C ASN A 152 20.52 -21.02 -15.63
N ALA A 153 20.69 -20.90 -14.32
CA ALA A 153 19.84 -21.56 -13.34
C ALA A 153 18.76 -20.61 -12.87
N LEU A 154 17.50 -21.02 -13.00
CA LEU A 154 16.39 -20.21 -12.54
C LEU A 154 16.41 -20.10 -11.02
N GLN A 155 16.23 -18.89 -10.51
CA GLN A 155 16.23 -18.63 -9.07
C GLN A 155 14.80 -18.62 -8.53
N SER A 156 14.67 -19.00 -7.27
CA SER A 156 13.38 -18.95 -6.59
C SER A 156 13.62 -18.63 -5.12
N GLY A 157 12.73 -17.83 -4.55
CA GLY A 157 12.73 -17.55 -3.12
C GLY A 157 13.71 -16.50 -2.66
N ASN A 158 14.57 -15.97 -3.54
CA ASN A 158 15.58 -15.01 -3.14
C ASN A 158 15.39 -13.64 -3.77
N SER A 159 14.19 -13.33 -4.25
CA SER A 159 13.93 -12.02 -4.84
C SER A 159 12.61 -11.46 -4.33
N GLN A 160 12.51 -10.13 -4.33
CA GLN A 160 11.30 -9.44 -3.94
C GLN A 160 10.99 -8.36 -4.98
N GLU A 161 9.71 -8.16 -5.26
CA GLU A 161 9.25 -7.17 -6.22
C GLU A 161 8.48 -6.07 -5.52
N SER A 162 8.60 -4.86 -6.08
CA SER A 162 7.83 -3.70 -5.66
C SER A 162 7.31 -3.02 -6.92
N VAL A 163 6.05 -2.60 -6.90
CA VAL A 163 5.41 -1.97 -8.05
C VAL A 163 4.85 -0.61 -7.63
N THR A 164 4.97 0.37 -8.51
CA THR A 164 4.39 1.68 -8.26
C THR A 164 2.88 1.63 -8.50
N GLU A 165 2.19 2.61 -7.94
CA GLU A 165 0.79 2.79 -8.29
C GLU A 165 0.72 3.28 -9.73
N GLN A 166 -0.39 3.00 -10.39
CA GLN A 166 -0.57 3.42 -11.77
C GLN A 166 -0.36 4.92 -11.88
N ASP A 167 0.46 5.34 -12.83
CA ASP A 167 0.87 6.74 -12.90
C ASP A 167 -0.31 7.63 -13.30
N SER A 168 -0.46 8.74 -12.59
CA SER A 168 -1.56 9.65 -12.88
C SER A 168 -1.45 10.29 -14.26
N LYS A 169 -0.23 10.43 -14.78
CA LYS A 169 -0.03 11.10 -16.06
C LYS A 169 -0.18 10.16 -17.26
N ASP A 170 0.57 9.04 -17.27
CA ASP A 170 0.60 8.17 -18.43
C ASP A 170 -0.05 6.80 -18.19
N SER A 171 -0.59 6.55 -17.00
CA SER A 171 -1.33 5.32 -16.70
C SER A 171 -0.47 4.06 -16.78
N THR A 172 0.85 4.19 -16.64
CA THR A 172 1.74 3.04 -16.68
C THR A 172 2.17 2.64 -15.28
N TYR A 173 2.84 1.50 -15.21
CA TYR A 173 3.42 0.97 -13.99
C TYR A 173 4.93 0.89 -14.15
N SER A 174 5.65 0.93 -13.03
CA SER A 174 7.05 0.55 -12.98
C SER A 174 7.25 -0.48 -11.89
N LEU A 175 8.29 -1.29 -12.03
CA LEU A 175 8.47 -2.43 -11.14
C LEU A 175 9.96 -2.63 -10.90
N SER A 176 10.30 -2.91 -9.65
CA SER A 176 11.66 -3.31 -9.30
C SER A 176 11.63 -4.75 -8.82
N SER A 177 12.61 -5.54 -9.25
CA SER A 177 12.81 -6.88 -8.72
C SER A 177 14.24 -6.92 -8.18
N THR A 178 14.38 -7.28 -6.92
CA THR A 178 15.68 -7.25 -6.25
C THR A 178 16.05 -8.67 -5.83
N LEU A 179 17.15 -9.17 -6.38
CA LEU A 179 17.72 -10.45 -6.00
C LEU A 179 18.75 -10.20 -4.90
N THR A 180 18.57 -10.82 -3.75
CA THR A 180 19.46 -10.60 -2.61
C THR A 180 20.19 -11.91 -2.31
N LEU A 181 21.51 -11.86 -2.36
CA LEU A 181 22.34 -13.02 -2.11
C LEU A 181 23.38 -12.67 -1.04
N SER A 182 23.74 -13.65 -0.24
CA SER A 182 24.94 -13.48 0.57
C SER A 182 26.14 -13.32 -0.36
N LYS A 183 27.19 -12.68 0.15
CA LYS A 183 28.40 -12.54 -0.63
C LYS A 183 28.93 -13.90 -1.07
N ALA A 184 28.85 -14.90 -0.19
CA ALA A 184 29.32 -16.24 -0.53
C ALA A 184 28.58 -16.79 -1.76
N ASP A 185 27.25 -16.67 -1.76
CA ASP A 185 26.48 -17.19 -2.88
C ASP A 185 26.69 -16.34 -4.14
N TYR A 186 26.82 -15.01 -3.97
CA TYR A 186 27.07 -14.15 -5.12
C TYR A 186 28.37 -14.54 -5.83
N GLU A 187 29.40 -14.88 -5.05
CA GLU A 187 30.71 -15.21 -5.60
C GLU A 187 30.77 -16.61 -6.20
N LYS A 188 29.74 -17.44 -5.97
CA LYS A 188 29.74 -18.78 -6.55
C LYS A 188 29.55 -18.74 -8.06
N HIS A 189 28.89 -17.70 -8.58
CA HIS A 189 28.44 -17.69 -9.96
C HIS A 189 28.97 -16.49 -10.73
N LYS A 190 28.86 -16.57 -12.05
CA LYS A 190 29.43 -15.58 -12.96
C LYS A 190 28.40 -14.72 -13.68
N VAL A 191 27.44 -15.34 -14.36
CA VAL A 191 26.51 -14.62 -15.23
C VAL A 191 25.19 -14.40 -14.49
N TYR A 192 24.80 -13.13 -14.35
CA TYR A 192 23.57 -12.74 -13.67
C TYR A 192 22.64 -12.10 -14.69
N ALA A 193 21.41 -12.62 -14.78
CA ALA A 193 20.48 -12.19 -15.81
C ALA A 193 19.07 -12.01 -15.25
N CYS A 194 18.41 -10.97 -15.71
CA CYS A 194 17.00 -10.72 -15.44
C CYS A 194 16.24 -10.88 -16.74
N GLU A 195 15.23 -11.76 -16.76
CA GLU A 195 14.46 -12.07 -17.95
C GLU A 195 13.01 -11.62 -17.75
N VAL A 196 12.53 -10.78 -18.67
CA VAL A 196 11.24 -10.12 -18.54
C VAL A 196 10.31 -10.60 -19.65
N THR A 197 9.14 -11.10 -19.24
CA THR A 197 8.06 -11.45 -20.17
C THR A 197 6.91 -10.48 -19.97
N HIS A 198 6.40 -9.94 -21.08
CA HIS A 198 5.34 -8.95 -21.00
C HIS A 198 4.61 -8.91 -22.34
N GLN A 199 3.32 -8.53 -22.28
CA GLN A 199 2.48 -8.51 -23.47
C GLN A 199 3.05 -7.62 -24.57
N GLY A 200 3.75 -6.55 -24.20
CA GLY A 200 4.33 -5.64 -25.17
C GLY A 200 5.62 -6.09 -25.81
N LEU A 201 6.13 -7.26 -25.43
CA LEU A 201 7.39 -7.79 -25.94
C LEU A 201 7.07 -9.02 -26.79
N SER A 202 7.52 -9.02 -28.04
CA SER A 202 7.28 -10.17 -28.92
C SER A 202 7.94 -11.42 -28.36
N SER A 203 9.08 -11.27 -27.69
CA SER A 203 9.74 -12.36 -27.00
C SER A 203 10.39 -11.80 -25.74
N PRO A 204 10.69 -12.64 -24.76
CA PRO A 204 11.27 -12.13 -23.50
C PRO A 204 12.58 -11.39 -23.72
N VAL A 205 12.75 -10.31 -22.96
CA VAL A 205 13.96 -9.48 -22.98
C VAL A 205 14.84 -9.89 -21.81
N THR A 206 16.13 -10.08 -22.07
CA THR A 206 17.09 -10.44 -21.03
C THR A 206 18.17 -9.37 -20.94
N LYS A 207 18.42 -8.88 -19.73
CA LYS A 207 19.55 -8.02 -19.43
C LYS A 207 20.45 -8.77 -18.45
N SER A 208 21.76 -8.70 -18.69
CA SER A 208 22.68 -9.52 -17.91
C SER A 208 24.01 -8.80 -17.75
N PHE A 209 24.82 -9.32 -16.83
CA PHE A 209 26.20 -8.88 -16.65
C PHE A 209 27.02 -10.04 -16.12
N ASN A 210 28.34 -9.91 -16.23
CA ASN A 210 29.26 -10.88 -15.65
C ASN A 210 29.86 -10.31 -14.38
N ARG A 211 29.78 -11.06 -13.28
CA ARG A 211 30.38 -10.63 -12.02
C ARG A 211 31.88 -10.39 -12.21
N GLY A 212 32.36 -9.29 -11.64
CA GLY A 212 33.77 -8.94 -11.73
C GLY A 212 34.19 -8.27 -13.01
N GLU A 213 33.26 -7.96 -13.90
CA GLU A 213 33.59 -7.29 -15.15
C GLU A 213 32.96 -5.90 -15.19
N GLN B 1 -17.78 19.74 8.18
CA GLN B 1 -16.96 20.09 9.34
C GLN B 1 -16.81 18.95 10.34
N LYS B 2 -17.36 17.78 10.02
CA LYS B 2 -17.17 16.60 10.85
C LYS B 2 -15.81 16.00 10.57
N VAL B 3 -14.97 15.88 11.60
CA VAL B 3 -13.60 15.40 11.48
C VAL B 3 -13.27 14.52 12.68
N LEU B 4 -12.55 13.44 12.43
CA LEU B 4 -11.95 12.60 13.47
C LEU B 4 -10.44 12.70 13.32
N VAL B 5 -9.75 13.09 14.39
CA VAL B 5 -8.30 13.28 14.36
C VAL B 5 -7.67 12.24 15.27
N GLN B 6 -6.81 11.42 14.69
CA GLN B 6 -6.16 10.33 15.41
C GLN B 6 -4.75 10.69 15.83
N SER B 7 -4.25 9.95 16.81
CA SER B 7 -2.88 10.11 17.29
C SER B 7 -1.88 9.59 16.25
N GLY B 8 -0.59 9.87 16.51
CA GLY B 8 0.45 9.63 15.53
C GLY B 8 0.98 8.20 15.52
N ALA B 9 1.94 7.97 14.62
CA ALA B 9 2.45 6.63 14.35
C ALA B 9 3.08 6.00 15.60
N GLU B 10 2.96 4.68 15.71
CA GLU B 10 3.46 3.93 16.85
C GLU B 10 4.32 2.78 16.35
N VAL B 11 5.37 2.48 17.10
CA VAL B 11 6.26 1.35 16.82
C VAL B 11 6.49 0.62 18.13
N LYS B 12 6.20 -0.69 18.14
CA LYS B 12 6.19 -1.47 19.38
C LYS B 12 6.88 -2.80 19.17
N LYS B 13 7.34 -3.39 20.29
CA LYS B 13 7.88 -4.73 20.33
C LYS B 13 6.77 -5.75 20.57
N PRO B 14 6.96 -7.00 20.15
CA PRO B 14 5.97 -8.03 20.44
C PRO B 14 5.76 -8.16 21.94
N GLY B 15 4.49 -8.33 22.34
CA GLY B 15 4.13 -8.42 23.73
C GLY B 15 3.75 -7.10 24.38
N ALA B 16 4.09 -5.99 23.76
CA ALA B 16 3.77 -4.67 24.31
C ALA B 16 2.31 -4.31 24.01
N SER B 17 1.89 -3.14 24.49
CA SER B 17 0.56 -2.61 24.22
C SER B 17 0.69 -1.26 23.53
N VAL B 18 -0.38 -0.87 22.84
CA VAL B 18 -0.46 0.43 22.20
C VAL B 18 -1.85 1.01 22.43
N LYS B 19 -1.92 2.31 22.67
CA LYS B 19 -3.18 3.02 22.88
C LYS B 19 -3.29 4.11 21.82
N VAL B 20 -4.26 3.96 20.93
CA VAL B 20 -4.51 4.90 19.85
C VAL B 20 -5.69 5.77 20.28
N SER B 21 -5.60 7.07 20.00
CA SER B 21 -6.67 7.99 20.34
C SER B 21 -7.32 8.56 19.08
N CYS B 22 -8.57 8.99 19.25
CA CYS B 22 -9.40 9.48 18.15
C CYS B 22 -10.33 10.55 18.70
N ARG B 23 -10.15 11.80 18.30
CA ARG B 23 -10.94 12.90 18.82
C ARG B 23 -11.91 13.41 17.76
N ALA B 24 -13.17 13.62 18.16
CA ALA B 24 -14.23 14.04 17.27
C ALA B 24 -14.42 15.54 17.30
N PHE B 25 -14.54 16.15 16.12
CA PHE B 25 -14.83 17.56 15.99
C PHE B 25 -16.02 17.74 15.05
N GLY B 26 -16.82 18.78 15.30
CA GLY B 26 -17.84 19.20 14.38
C GLY B 26 -19.16 18.44 14.44
N TYR B 27 -19.31 17.53 15.40
CA TYR B 27 -20.58 16.87 15.65
C TYR B 27 -20.58 16.47 17.13
N THR B 28 -21.74 16.07 17.63
CA THR B 28 -21.87 15.66 19.02
C THR B 28 -21.27 14.26 19.17
N PHE B 29 -20.11 14.18 19.84
CA PHE B 29 -19.36 12.93 19.97
C PHE B 29 -20.24 11.79 20.48
N THR B 30 -21.06 12.06 21.49
CA THR B 30 -21.87 11.00 22.08
C THR B 30 -23.15 10.71 21.31
N GLY B 31 -23.32 11.27 20.11
CA GLY B 31 -24.52 11.00 19.35
C GLY B 31 -24.41 9.89 18.33
N ASN B 32 -23.24 9.26 18.19
CA ASN B 32 -23.05 8.26 17.14
C ASN B 32 -22.09 7.19 17.65
N ALA B 33 -22.43 5.93 17.38
CA ALA B 33 -21.48 4.85 17.62
C ALA B 33 -20.20 5.08 16.81
N LEU B 34 -19.09 4.58 17.34
CA LEU B 34 -17.78 4.73 16.72
C LEU B 34 -17.14 3.37 16.56
N HIS B 35 -16.72 3.05 15.33
CA HIS B 35 -16.07 1.81 14.98
C HIS B 35 -14.56 1.96 14.99
N TRP B 36 -13.88 0.83 15.14
CA TRP B 36 -12.45 0.73 14.89
C TRP B 36 -12.22 -0.35 13.85
N VAL B 37 -11.43 -0.01 12.82
CA VAL B 37 -11.19 -0.88 11.66
C VAL B 37 -9.71 -0.77 11.34
N ARG B 38 -9.08 -1.90 11.01
CA ARG B 38 -7.67 -1.86 10.65
C ARG B 38 -7.44 -2.46 9.26
N GLN B 39 -6.27 -2.14 8.71
CA GLN B 39 -5.92 -2.57 7.36
C GLN B 39 -4.43 -2.83 7.34
N ALA B 40 -4.04 -4.09 7.18
CA ALA B 40 -2.64 -4.42 7.04
C ALA B 40 -2.17 -4.00 5.65
N PRO B 41 -0.87 -3.73 5.47
CA PRO B 41 -0.41 -3.24 4.16
C PRO B 41 -0.76 -4.20 3.03
N GLY B 42 -1.41 -3.65 2.00
CA GLY B 42 -1.80 -4.43 0.84
C GLY B 42 -3.02 -5.30 1.05
N GLN B 43 -3.65 -5.26 2.21
CA GLN B 43 -4.74 -6.16 2.55
C GLN B 43 -6.07 -5.41 2.63
N GLY B 44 -7.11 -6.15 3.00
CA GLY B 44 -8.45 -5.61 3.13
C GLY B 44 -8.71 -4.99 4.48
N LEU B 45 -9.99 -4.78 4.77
CA LEU B 45 -10.44 -4.08 5.97
C LEU B 45 -10.96 -5.08 7.00
N GLU B 46 -10.53 -4.93 8.24
CA GLU B 46 -10.90 -5.82 9.34
C GLU B 46 -11.50 -5.02 10.48
N TRP B 47 -12.72 -5.37 10.89
CA TRP B 47 -13.42 -4.68 11.95
C TRP B 47 -12.96 -5.19 13.30
N LEU B 48 -12.59 -4.27 14.19
CA LEU B 48 -12.13 -4.65 15.53
C LEU B 48 -13.27 -4.63 16.55
N GLY B 49 -14.18 -3.67 16.43
CA GLY B 49 -15.23 -3.49 17.41
C GLY B 49 -15.83 -2.12 17.27
N TRP B 50 -16.84 -1.85 18.11
CA TRP B 50 -17.40 -0.50 18.20
C TRP B 50 -17.79 -0.17 19.63
N ILE B 51 -17.96 1.14 19.85
CA ILE B 51 -18.27 1.68 21.17
C ILE B 51 -19.41 2.68 21.06
N ASN B 52 -20.28 2.69 22.06
CA ASN B 52 -21.25 3.75 22.25
C ASN B 52 -20.58 4.83 23.09
N PRO B 53 -20.26 6.00 22.53
CA PRO B 53 -19.54 7.00 23.35
C PRO B 53 -20.38 7.61 24.46
N HIS B 54 -21.71 7.57 24.35
CA HIS B 54 -22.55 8.04 25.45
C HIS B 54 -22.44 7.12 26.66
N SER B 55 -22.71 5.83 26.47
CA SER B 55 -22.82 4.89 27.58
C SER B 55 -21.52 4.17 27.89
N GLY B 56 -20.60 4.07 26.92
CA GLY B 56 -19.41 3.26 27.09
C GLY B 56 -19.60 1.79 26.75
N ASP B 57 -20.81 1.36 26.43
CA ASP B 57 -21.03 -0.02 25.99
C ASP B 57 -20.21 -0.31 24.75
N THR B 58 -19.75 -1.55 24.62
CA THR B 58 -18.93 -1.95 23.50
C THR B 58 -19.38 -3.31 22.99
N PHE B 59 -19.07 -3.59 21.73
CA PHE B 59 -18.97 -4.97 21.26
C PHE B 59 -17.64 -5.11 20.57
N THR B 60 -16.82 -6.03 21.05
CA THR B 60 -15.51 -6.30 20.48
C THR B 60 -15.60 -7.55 19.64
N SER B 61 -15.05 -7.51 18.43
CA SER B 61 -15.05 -8.68 17.59
C SER B 61 -14.43 -9.86 18.35
N GLN B 62 -15.04 -11.03 18.19
CA GLN B 62 -14.69 -12.19 19.00
C GLN B 62 -13.19 -12.48 18.98
N LYS B 63 -12.55 -12.38 17.81
CA LYS B 63 -11.13 -12.66 17.71
C LYS B 63 -10.24 -11.68 18.48
N PHE B 64 -10.78 -10.56 18.95
CA PHE B 64 -10.02 -9.58 19.72
C PHE B 64 -10.50 -9.46 21.16
N GLN B 65 -11.52 -10.21 21.56
CA GLN B 65 -12.02 -10.10 22.92
C GLN B 65 -10.97 -10.55 23.91
N GLY B 66 -10.86 -9.78 25.00
CA GLY B 66 -9.83 -10.01 25.99
C GLY B 66 -8.46 -9.51 25.63
N ARG B 67 -8.32 -8.83 24.49
CA ARG B 67 -7.02 -8.32 24.07
C ARG B 67 -7.10 -6.87 23.62
N VAL B 68 -8.23 -6.50 23.03
CA VAL B 68 -8.46 -5.14 22.53
C VAL B 68 -9.55 -4.50 23.38
N TYR B 69 -9.33 -3.26 23.79
CA TYR B 69 -10.25 -2.58 24.70
C TYR B 69 -10.57 -1.19 24.16
N MET B 70 -11.85 -0.89 24.07
CA MET B 70 -12.30 0.43 23.63
C MET B 70 -12.89 1.20 24.81
N THR B 71 -12.44 2.43 24.99
CA THR B 71 -12.92 3.32 26.03
C THR B 71 -13.13 4.71 25.43
N ARG B 72 -13.65 5.63 26.23
CA ARG B 72 -13.77 7.01 25.77
C ARG B 72 -13.69 7.95 26.97
N ASP B 73 -13.39 9.22 26.68
CA ASP B 73 -13.41 10.31 27.66
C ASP B 73 -14.24 11.43 27.05
N LYS B 74 -15.48 11.59 27.54
CA LYS B 74 -16.40 12.57 26.97
C LYS B 74 -15.92 14.00 27.17
N SER B 75 -15.11 14.24 28.21
CA SER B 75 -14.63 15.60 28.50
C SER B 75 -13.77 16.15 27.39
N ILE B 76 -13.13 15.28 26.60
CA ILE B 76 -12.25 15.70 25.51
C ILE B 76 -12.70 15.11 24.18
N ASN B 77 -13.95 14.64 24.11
CA ASN B 77 -14.53 14.10 22.88
C ASN B 77 -13.64 13.03 22.25
N THR B 78 -12.99 12.20 23.07
CA THR B 78 -11.96 11.30 22.58
C THR B 78 -12.27 9.84 22.88
N ALA B 79 -12.13 9.00 21.87
CA ALA B 79 -12.19 7.55 22.05
C ALA B 79 -10.79 6.96 21.98
N PHE B 80 -10.59 5.84 22.68
CA PHE B 80 -9.29 5.18 22.75
C PHE B 80 -9.42 3.72 22.39
N LEU B 81 -8.40 3.22 21.68
CA LEU B 81 -8.28 1.81 21.36
C LEU B 81 -6.98 1.30 21.95
N ASP B 82 -7.08 0.36 22.90
CA ASP B 82 -5.92 -0.24 23.53
C ASP B 82 -5.78 -1.63 22.96
N VAL B 83 -4.69 -1.87 22.23
CA VAL B 83 -4.40 -3.18 21.65
C VAL B 83 -3.22 -3.75 22.42
N THR B 84 -3.45 -4.85 23.13
CA THR B 84 -2.45 -5.42 24.03
C THR B 84 -1.89 -6.72 23.47
N ARG B 85 -0.84 -7.22 24.12
CA ARG B 85 -0.18 -8.46 23.72
C ARG B 85 0.09 -8.48 22.22
N LEU B 86 0.73 -7.42 21.73
CA LEU B 86 0.89 -7.20 20.31
C LEU B 86 1.79 -8.28 19.68
N THR B 87 1.47 -8.64 18.44
CA THR B 87 2.38 -9.42 17.60
C THR B 87 2.51 -8.72 16.26
N SER B 88 3.44 -9.21 15.44
CA SER B 88 3.67 -8.60 14.14
C SER B 88 2.43 -8.64 13.24
N ASP B 89 1.52 -9.59 13.47
CA ASP B 89 0.27 -9.60 12.70
C ASP B 89 -0.66 -8.45 13.04
N ASP B 90 -0.35 -7.67 14.07
CA ASP B 90 -1.11 -6.46 14.37
C ASP B 90 -0.58 -5.24 13.63
N THR B 91 0.49 -5.38 12.83
CA THR B 91 0.98 -4.26 12.06
C THR B 91 -0.07 -3.83 11.04
N GLY B 92 -0.31 -2.53 10.95
CA GLY B 92 -1.25 -2.01 9.98
C GLY B 92 -1.67 -0.60 10.31
N ILE B 93 -2.57 -0.08 9.49
CA ILE B 93 -3.19 1.23 9.74
C ILE B 93 -4.49 1.01 10.48
N TYR B 94 -4.67 1.71 11.60
CA TYR B 94 -5.86 1.62 12.44
C TYR B 94 -6.70 2.88 12.28
N TYR B 95 -7.99 2.70 11.96
CA TYR B 95 -8.91 3.82 11.77
C TYR B 95 -10.01 3.78 12.82
N CYS B 96 -10.43 4.96 13.25
CA CYS B 96 -11.75 5.10 13.87
C CYS B 96 -12.72 5.66 12.84
N ALA B 97 -13.99 5.27 12.96
CA ALA B 97 -14.97 5.72 11.99
C ALA B 97 -16.34 5.84 12.64
N ARG B 98 -17.01 6.95 12.38
CA ARG B 98 -18.33 7.19 12.93
C ARG B 98 -19.38 6.45 12.11
N ASP B 99 -20.37 5.86 12.79
CA ASP B 99 -21.53 5.34 12.10
C ASP B 99 -22.63 6.41 12.03
N LYS B 100 -23.35 6.44 10.90
CA LYS B 100 -24.52 7.30 10.80
C LYS B 100 -25.49 6.99 11.94
N TYR B 101 -25.66 5.71 12.27
CA TYR B 101 -26.30 5.28 13.50
C TYR B 101 -27.79 5.63 13.57
N TYR B 102 -28.45 5.78 12.42
CA TYR B 102 -29.87 6.07 12.42
C TYR B 102 -30.63 4.97 13.14
N GLY B 103 -31.55 5.35 14.02
CA GLY B 103 -32.30 4.35 14.75
C GLY B 103 -31.50 3.58 15.77
N ASN B 104 -30.31 4.07 16.12
CA ASN B 104 -29.41 3.39 17.05
C ASN B 104 -29.02 2.00 16.55
N GLU B 105 -28.85 1.87 15.23
CA GLU B 105 -28.30 0.66 14.63
C GLU B 105 -27.25 1.04 13.61
N ALA B 106 -26.42 0.06 13.25
CA ALA B 106 -25.38 0.27 12.26
C ALA B 106 -25.99 0.51 10.89
N VAL B 107 -25.52 1.56 10.21
CA VAL B 107 -26.01 1.95 8.88
C VAL B 107 -24.83 2.07 7.90
N GLY B 108 -23.79 2.78 8.32
CA GLY B 108 -22.62 2.98 7.45
C GLY B 108 -21.64 3.91 8.11
N MET B 109 -20.38 3.81 7.68
CA MET B 109 -19.28 4.52 8.33
C MET B 109 -19.01 5.78 7.51
N ASP B 110 -19.51 6.92 7.99
CA ASP B 110 -19.57 8.14 7.18
C ASP B 110 -18.49 9.17 7.45
N VAL B 111 -17.82 9.11 8.60
CA VAL B 111 -16.68 9.97 8.91
C VAL B 111 -15.55 9.07 9.36
N TRP B 112 -14.37 9.24 8.79
CA TRP B 112 -13.22 8.40 9.13
C TRP B 112 -12.07 9.25 9.62
N GLY B 113 -11.38 8.78 10.65
CA GLY B 113 -10.09 9.35 11.01
C GLY B 113 -9.08 9.18 9.88
N GLN B 114 -7.95 9.87 10.03
CA GLN B 114 -6.90 9.80 9.01
C GLN B 114 -6.08 8.51 9.10
N GLY B 115 -6.25 7.73 10.16
CA GLY B 115 -5.51 6.50 10.31
C GLY B 115 -4.29 6.69 11.19
N THR B 116 -3.93 5.62 11.90
CA THR B 116 -2.75 5.58 12.76
C THR B 116 -1.95 4.35 12.37
N SER B 117 -0.70 4.56 11.96
CA SER B 117 0.18 3.45 11.63
C SER B 117 0.71 2.81 12.90
N VAL B 118 0.59 1.49 13.00
CA VAL B 118 1.13 0.72 14.11
C VAL B 118 2.05 -0.34 13.52
N THR B 119 3.33 -0.29 13.87
CA THR B 119 4.29 -1.31 13.47
C THR B 119 4.68 -2.12 14.69
N VAL B 120 4.56 -3.44 14.60
CA VAL B 120 5.00 -4.34 15.67
C VAL B 120 6.11 -5.23 15.14
N SER B 121 7.28 -5.16 15.77
CA SER B 121 8.41 -5.92 15.27
C SER B 121 9.42 -6.09 16.40
N SER B 122 10.20 -7.17 16.31
CA SER B 122 11.34 -7.32 17.22
C SER B 122 12.54 -6.48 16.80
N ALA B 123 12.53 -5.90 15.60
CA ALA B 123 13.64 -5.08 15.14
C ALA B 123 13.78 -3.81 15.98
N SER B 124 14.98 -3.25 15.96
CA SER B 124 15.28 -1.99 16.62
C SER B 124 15.54 -0.90 15.59
N THR B 125 15.36 0.35 16.01
CA THR B 125 15.60 1.49 15.14
C THR B 125 16.98 1.41 14.50
N LYS B 126 17.01 1.59 13.18
CA LYS B 126 18.26 1.49 12.44
C LYS B 126 18.14 2.33 11.18
N GLY B 127 19.14 3.18 10.94
CA GLY B 127 19.17 3.96 9.73
C GLY B 127 19.59 3.12 8.53
N PRO B 128 19.24 3.58 7.34
CA PRO B 128 19.54 2.80 6.13
C PRO B 128 20.98 2.95 5.69
N SER B 129 21.43 1.93 4.99
CA SER B 129 22.62 2.02 4.16
C SER B 129 22.14 2.44 2.78
N VAL B 130 22.87 3.36 2.14
CA VAL B 130 22.46 3.88 0.84
C VAL B 130 23.55 3.55 -0.17
N PHE B 131 23.18 2.76 -1.18
CA PHE B 131 24.14 2.34 -2.19
C PHE B 131 23.74 2.88 -3.55
N PRO B 132 24.70 3.30 -4.37
CA PRO B 132 24.36 3.78 -5.71
C PRO B 132 23.93 2.66 -6.62
N LEU B 133 23.00 2.98 -7.51
CA LEU B 133 22.65 2.15 -8.67
C LEU B 133 23.20 2.92 -9.86
N ALA B 134 24.44 2.60 -10.23
CA ALA B 134 25.16 3.46 -11.14
C ALA B 134 24.75 3.20 -12.60
N PRO B 135 24.65 4.25 -13.42
CA PRO B 135 24.39 4.05 -14.83
C PRO B 135 25.64 3.54 -15.53
N SER B 136 25.44 2.80 -16.62
CA SER B 136 26.54 2.28 -17.40
C SER B 136 26.24 2.43 -18.88
N SER B 137 27.31 2.64 -19.67
CA SER B 137 27.16 2.74 -21.11
C SER B 137 26.52 1.48 -21.69
N LYS B 138 26.88 0.31 -21.14
CA LYS B 138 26.30 -0.94 -21.61
C LYS B 138 24.81 -1.03 -21.33
N SER B 139 24.29 -0.23 -20.40
CA SER B 139 22.89 -0.24 -20.05
C SER B 139 22.09 0.86 -20.74
N THR B 140 22.68 1.51 -21.75
CA THR B 140 21.95 2.55 -22.47
C THR B 140 20.73 1.95 -23.17
N SER B 141 19.62 2.66 -23.10
CA SER B 141 18.38 2.29 -23.79
C SER B 141 17.93 3.49 -24.61
N GLY B 142 18.12 3.43 -25.93
CA GLY B 142 17.81 4.59 -26.76
C GLY B 142 18.71 5.75 -26.38
N GLY B 143 18.10 6.87 -26.01
CA GLY B 143 18.86 8.02 -25.54
C GLY B 143 18.82 8.15 -24.03
N THR B 144 18.45 7.07 -23.34
CA THR B 144 18.13 7.11 -21.93
C THR B 144 19.08 6.25 -21.12
N ALA B 145 19.46 6.75 -19.95
CA ALA B 145 20.16 5.98 -18.94
C ALA B 145 19.31 5.97 -17.68
N ALA B 146 19.32 4.85 -16.96
CA ALA B 146 18.68 4.75 -15.66
C ALA B 146 19.74 4.70 -14.57
N LEU B 147 19.47 5.38 -13.46
CA LEU B 147 20.35 5.37 -12.30
C LEU B 147 19.47 5.45 -11.07
N GLY B 148 20.06 5.27 -9.89
CA GLY B 148 19.23 5.34 -8.70
C GLY B 148 20.04 5.13 -7.44
N CYS B 149 19.30 4.93 -6.34
CA CYS B 149 19.90 4.55 -5.08
C CYS B 149 19.09 3.45 -4.43
N LEU B 150 19.79 2.49 -3.87
CA LEU B 150 19.20 1.42 -3.08
C LEU B 150 19.32 1.81 -1.61
N VAL B 151 18.18 1.91 -0.95
CA VAL B 151 18.05 2.36 0.43
C VAL B 151 17.70 1.12 1.25
N LYS B 152 18.69 0.52 1.90
CA LYS B 152 18.58 -0.84 2.39
C LYS B 152 18.73 -0.92 3.91
N ASP B 153 17.94 -1.82 4.51
CA ASP B 153 18.16 -2.29 5.89
C ASP B 153 17.88 -1.20 6.93
N TYR B 154 16.69 -0.62 6.87
CA TYR B 154 16.28 0.39 7.84
C TYR B 154 15.03 -0.06 8.57
N PHE B 155 14.80 0.57 9.73
CA PHE B 155 13.63 0.29 10.54
C PHE B 155 13.40 1.45 11.49
N PRO B 156 12.16 1.91 11.68
CA PRO B 156 10.94 1.50 10.99
C PRO B 156 10.74 2.36 9.75
N GLU B 157 9.60 2.20 9.09
CA GLU B 157 9.18 3.15 8.08
C GLU B 157 8.87 4.48 8.77
N PRO B 158 8.93 5.59 8.04
CA PRO B 158 9.24 5.76 6.63
C PRO B 158 10.62 6.37 6.40
N VAL B 159 11.06 6.32 5.15
CA VAL B 159 12.17 7.14 4.68
C VAL B 159 11.60 8.09 3.64
N THR B 160 12.31 9.19 3.44
CA THR B 160 12.01 10.08 2.32
C THR B 160 13.23 10.11 1.40
N VAL B 161 12.97 10.16 0.10
CA VAL B 161 14.03 10.23 -0.90
C VAL B 161 13.73 11.40 -1.83
N SER B 162 14.72 12.27 -2.02
CA SER B 162 14.68 13.30 -3.04
C SER B 162 15.94 13.20 -3.89
N TRP B 163 15.94 13.92 -5.00
CA TRP B 163 17.08 13.98 -5.90
C TRP B 163 17.49 15.42 -6.09
N ASN B 164 18.79 15.68 -5.91
CA ASN B 164 19.33 17.02 -6.10
C ASN B 164 18.58 18.04 -5.26
N SER B 165 18.27 17.66 -4.02
CA SER B 165 17.58 18.52 -3.07
C SER B 165 16.22 18.96 -3.56
N GLY B 166 15.56 18.11 -4.34
CA GLY B 166 14.24 18.41 -4.87
C GLY B 166 14.22 19.05 -6.24
N ALA B 167 15.37 19.42 -6.78
CA ALA B 167 15.43 20.04 -8.09
C ALA B 167 15.18 19.05 -9.23
N LEU B 168 15.37 17.75 -8.99
CA LEU B 168 15.14 16.72 -10.00
C LEU B 168 13.93 15.90 -9.58
N THR B 169 12.84 16.02 -10.34
CA THR B 169 11.61 15.29 -10.05
C THR B 169 11.09 14.51 -11.24
N SER B 170 11.34 15.00 -12.45
CA SER B 170 10.86 14.30 -13.65
C SER B 170 11.58 12.98 -13.81
N GLY B 171 10.81 11.93 -14.12
CA GLY B 171 11.37 10.62 -14.36
C GLY B 171 11.74 9.84 -13.12
N VAL B 172 11.44 10.35 -11.93
CA VAL B 172 11.79 9.68 -10.68
C VAL B 172 10.69 8.68 -10.33
N HIS B 173 11.09 7.45 -9.99
CA HIS B 173 10.20 6.49 -9.35
C HIS B 173 10.83 6.06 -8.04
N THR B 174 10.19 6.39 -6.93
CA THR B 174 10.60 5.86 -5.64
C THR B 174 9.63 4.74 -5.26
N PHE B 175 10.14 3.53 -5.20
CA PHE B 175 9.28 2.38 -5.05
C PHE B 175 8.79 2.23 -3.61
N PRO B 176 7.60 1.66 -3.43
CA PRO B 176 7.16 1.28 -2.09
C PRO B 176 8.17 0.37 -1.43
N ALA B 177 8.39 0.58 -0.13
CA ALA B 177 9.29 -0.26 0.62
C ALA B 177 8.77 -1.70 0.68
N VAL B 178 9.71 -2.64 0.77
CA VAL B 178 9.40 -4.03 1.04
C VAL B 178 9.99 -4.40 2.39
N LEU B 179 9.25 -5.20 3.15
CA LEU B 179 9.77 -5.74 4.40
C LEU B 179 10.55 -7.01 4.07
N GLN B 180 11.84 -7.00 4.37
CA GLN B 180 12.67 -8.16 4.06
C GLN B 180 12.49 -9.20 5.15
N SER B 181 12.91 -10.43 4.83
CA SER B 181 12.77 -11.52 5.79
C SER B 181 13.57 -11.26 7.06
N SER B 182 14.57 -10.38 7.00
CA SER B 182 15.32 -9.95 8.17
C SER B 182 14.50 -9.08 9.12
N GLY B 183 13.33 -8.59 8.70
CA GLY B 183 12.60 -7.62 9.48
C GLY B 183 12.99 -6.18 9.24
N LEU B 184 13.91 -5.92 8.33
CA LEU B 184 14.29 -4.57 7.96
C LEU B 184 13.70 -4.24 6.59
N TYR B 185 13.45 -2.96 6.36
CA TYR B 185 12.85 -2.50 5.11
C TYR B 185 13.93 -2.15 4.09
N SER B 186 13.53 -2.17 2.82
CA SER B 186 14.41 -1.82 1.71
C SER B 186 13.58 -1.25 0.57
N LEU B 187 14.13 -0.24 -0.11
CA LEU B 187 13.52 0.26 -1.33
C LEU B 187 14.60 0.80 -2.26
N SER B 188 14.23 1.00 -3.52
CA SER B 188 15.05 1.69 -4.48
C SER B 188 14.31 2.92 -4.99
N SER B 189 15.07 3.97 -5.29
CA SER B 189 14.56 5.12 -6.00
C SER B 189 15.39 5.26 -7.28
N VAL B 190 14.71 5.35 -8.42
CA VAL B 190 15.39 5.37 -9.72
C VAL B 190 14.96 6.61 -10.48
N VAL B 191 15.78 7.01 -11.45
CA VAL B 191 15.45 8.11 -12.34
C VAL B 191 16.01 7.80 -13.72
N THR B 192 15.27 8.14 -14.76
CA THR B 192 15.75 8.05 -16.12
C THR B 192 16.18 9.44 -16.59
N VAL B 193 17.35 9.49 -17.23
CA VAL B 193 18.01 10.74 -17.61
C VAL B 193 18.63 10.58 -19.00
N PRO B 194 19.09 11.65 -19.65
CA PRO B 194 19.75 11.49 -20.95
C PRO B 194 21.09 10.79 -20.78
N SER B 195 21.33 9.78 -21.61
CA SER B 195 22.65 9.16 -21.63
C SER B 195 23.72 10.16 -22.08
N SER B 196 23.35 11.12 -22.91
CA SER B 196 24.33 12.02 -23.53
C SER B 196 25.05 12.88 -22.51
N SER B 197 24.43 13.15 -21.37
CA SER B 197 24.99 14.08 -20.38
C SER B 197 25.46 13.38 -19.11
N LEU B 198 25.60 12.06 -19.12
CA LEU B 198 26.10 11.36 -17.93
C LEU B 198 27.49 11.84 -17.55
N GLY B 199 28.28 12.31 -18.52
CA GLY B 199 29.62 12.75 -18.19
C GLY B 199 29.69 14.10 -17.49
N THR B 200 28.60 14.86 -17.45
CA THR B 200 28.61 16.22 -16.91
C THR B 200 27.53 16.52 -15.88
N GLN B 201 26.42 15.80 -15.87
CA GLN B 201 25.35 16.10 -14.93
C GLN B 201 25.66 15.49 -13.57
N THR B 202 25.12 16.12 -12.52
CA THR B 202 25.26 15.64 -11.15
C THR B 202 23.96 15.05 -10.66
N TYR B 203 24.07 13.93 -9.92
CA TYR B 203 22.91 13.22 -9.39
C TYR B 203 23.21 12.82 -7.96
N ILE B 204 22.52 13.46 -7.02
CA ILE B 204 22.65 13.18 -5.59
C ILE B 204 21.30 12.72 -5.08
N CYS B 205 21.29 11.54 -4.47
CA CYS B 205 20.09 11.04 -3.83
C CYS B 205 20.13 11.43 -2.36
N ASN B 206 19.07 12.11 -1.90
CA ASN B 206 18.99 12.62 -0.53
C ASN B 206 18.02 11.75 0.25
N VAL B 207 18.53 11.02 1.23
CA VAL B 207 17.73 10.06 1.99
C VAL B 207 17.63 10.54 3.43
N ASN B 208 16.40 10.69 3.92
CA ASN B 208 16.17 11.09 5.31
C ASN B 208 15.37 9.99 6.01
N HIS B 209 15.89 9.51 7.13
CA HIS B 209 15.20 8.55 7.99
C HIS B 209 15.04 9.18 9.37
N LYS B 210 13.91 9.84 9.58
CA LYS B 210 13.73 10.59 10.83
C LYS B 210 13.77 9.72 12.07
N PRO B 211 13.23 8.49 12.09
CA PRO B 211 13.29 7.70 13.35
C PRO B 211 14.69 7.49 13.90
N SER B 212 15.72 7.39 13.04
CA SER B 212 17.10 7.25 13.50
C SER B 212 17.89 8.54 13.39
N ASN B 213 17.24 9.63 13.00
CA ASN B 213 17.88 10.93 12.78
C ASN B 213 19.09 10.78 11.85
N THR B 214 18.94 9.97 10.81
CA THR B 214 19.98 9.82 9.80
C THR B 214 19.59 10.53 8.52
N LYS B 215 20.56 11.26 7.96
CA LYS B 215 20.42 11.94 6.68
C LYS B 215 21.65 11.57 5.86
N VAL B 216 21.44 11.15 4.61
CA VAL B 216 22.53 10.68 3.76
C VAL B 216 22.36 11.32 2.39
N ASP B 217 23.42 11.90 1.87
CA ASP B 217 23.47 12.34 0.47
C ASP B 217 24.46 11.43 -0.25
N LYS B 218 23.99 10.76 -1.29
CA LYS B 218 24.81 9.79 -2.01
C LYS B 218 24.99 10.24 -3.45
N LYS B 219 26.25 10.40 -3.86
CA LYS B 219 26.60 10.69 -5.25
C LYS B 219 26.42 9.44 -6.10
N VAL B 220 25.73 9.59 -7.23
CA VAL B 220 25.52 8.51 -8.19
C VAL B 220 26.11 8.96 -9.52
N GLU B 221 27.06 8.20 -10.05
CA GLU B 221 27.79 8.65 -11.22
C GLU B 221 28.14 7.44 -12.07
N PRO B 222 28.43 7.65 -13.37
CA PRO B 222 28.64 6.51 -14.26
C PRO B 222 29.86 5.69 -13.89
N LYS B 223 29.76 4.39 -14.16
CA LYS B 223 30.86 3.45 -13.92
C LYS B 223 31.87 3.56 -15.06
N SER B 224 33.13 3.67 -14.69
CA SER B 224 34.21 3.81 -15.66
C SER B 224 35.08 2.55 -15.62
N CYS B 225 35.35 1.99 -16.80
CA CYS B 225 36.13 0.77 -16.92
C CYS B 225 37.56 1.11 -17.32
N ASP B 226 38.52 0.59 -16.57
CA ASP B 226 39.93 0.83 -16.87
C ASP B 226 40.51 -0.21 -17.82
N ALA C 1 -30.46 -4.33 12.12
CA ALA C 1 -29.00 -4.39 12.12
C ALA C 1 -28.49 -4.36 13.54
N VAL C 2 -27.20 -4.64 13.71
CA VAL C 2 -26.63 -4.60 15.06
C VAL C 2 -26.73 -3.18 15.61
N GLY C 3 -26.87 -3.09 16.93
CA GLY C 3 -26.91 -1.79 17.59
C GLY C 3 -26.18 -1.87 18.91
N ILE C 4 -25.85 -0.70 19.45
CA ILE C 4 -25.06 -0.65 20.68
C ILE C 4 -25.69 0.33 21.66
N GLY C 5 -27.02 0.50 21.55
CA GLY C 5 -27.78 1.20 22.57
C GLY C 5 -28.02 2.66 22.25
N ALA C 6 -28.79 3.28 23.12
CA ALA C 6 -29.28 4.63 22.91
C ALA C 6 -28.17 5.66 23.10
N VAL C 7 -28.35 6.83 22.47
CA VAL C 7 -27.38 7.91 22.57
C VAL C 7 -28.02 9.23 22.99
N PHE C 8 -29.35 9.29 23.01
CA PHE C 8 -30.07 10.52 23.37
C PHE C 8 -29.62 11.73 22.56
#